data_6WE4
#
_entry.id   6WE4
#
_cell.length_a   40.107
_cell.length_b   67.109
_cell.length_c   144.832
_cell.angle_alpha   90.000
_cell.angle_beta   90.000
_cell.angle_gamma   90.000
#
_symmetry.space_group_name_H-M   'P 21 21 21'
#
loop_
_entity.id
_entity.type
_entity.pdbx_description
1 polymer 'Protein mono-ADP-ribosyltransferase PARP14'
2 non-polymer 2-methyl-3,5,6,7-tetrahydro-4H-cyclopenta[4,5]thieno[2,3-d]pyrimidin-4-one
3 non-polymer 1,2-ETHANEDIOL
4 non-polymer 8-methyl-2-{[(pyridin-4-yl)sulfanyl]methyl}quinazolin-4(3H)-one
5 non-polymer GLYCEROL
6 water water
#
_entity_poly.entity_id   1
_entity_poly.type   'polypeptide(L)'
_entity_poly.pdbx_seq_one_letter_code
;SNADMKQQNFCVVELLPSDPEYNTVASKFNQTCSHFRIEKIERIQNPDLWNSYQAKKKTMDAKNGQTMNEKQLFHGTDAG
SVPHVNRNGFNRSYAGKNAVAYGKGTYFAVNANYSANDTYSRPDANGRKHVYYVRVLTGIYTHGNHSLIVPPSKNPQNPT
DLYDTVTDNVHHPSLFVAFYDYQAYPEYLITFRK
;
_entity_poly.pdbx_strand_id   A,B
#
loop_
_chem_comp.id
_chem_comp.type
_chem_comp.name
_chem_comp.formula
EDO non-polymer 1,2-ETHANEDIOL 'C2 H6 O2'
FDR non-polymer 2-methyl-3,5,6,7-tetrahydro-4H-cyclopenta[4,5]thieno[2,3-d]pyrimidin-4-one 'C10 H10 N2 O S'
GOL non-polymer GLYCEROL 'C3 H8 O3'
TYG non-polymer 8-methyl-2-{[(pyridin-4-yl)sulfanyl]methyl}quinazolin-4(3H)-one 'C15 H13 N3 O S'
#
# COMPACT_ATOMS: atom_id res chain seq x y z
N ASN A 9 0.44 13.05 2.00
CA ASN A 9 1.63 12.36 1.42
C ASN A 9 2.41 11.68 2.52
N PHE A 10 3.16 10.64 2.14
CA PHE A 10 3.92 9.85 3.10
C PHE A 10 5.10 9.15 2.46
N CYS A 11 6.01 8.69 3.28
CA CYS A 11 7.13 7.87 2.87
C CYS A 11 7.20 6.61 3.73
N VAL A 12 7.80 5.56 3.19
CA VAL A 12 7.94 4.28 3.88
C VAL A 12 9.43 3.93 3.89
N VAL A 13 10.00 3.76 5.07
CA VAL A 13 11.42 3.48 5.23
C VAL A 13 11.56 2.11 5.86
N GLU A 14 12.17 1.17 5.13
CA GLU A 14 12.51 -0.15 5.66
C GLU A 14 13.64 -0.04 6.67
N LEU A 15 13.48 -0.67 7.83
CA LEU A 15 14.49 -0.64 8.89
C LEU A 15 15.39 -1.87 8.78
N LEU A 16 16.69 -1.67 8.97
CA LEU A 16 17.67 -2.75 8.96
C LEU A 16 17.70 -3.47 10.30
N PRO A 17 17.82 -4.82 10.28
CA PRO A 17 17.90 -5.57 11.54
C PRO A 17 18.88 -5.01 12.59
N SER A 18 19.95 -4.35 12.18
CA SER A 18 20.93 -3.76 13.10
C SER A 18 20.43 -2.54 13.86
N ASP A 19 19.46 -1.83 13.27
CA ASP A 19 18.94 -0.60 13.84
C ASP A 19 18.27 -0.87 15.21
N PRO A 20 18.65 -0.11 16.27
CA PRO A 20 17.99 -0.20 17.57
C PRO A 20 16.47 -0.05 17.53
N GLU A 21 15.98 0.71 16.55
CA GLU A 21 14.55 0.89 16.32
C GLU A 21 13.87 -0.42 15.88
N TYR A 22 14.52 -1.13 14.96
CA TYR A 22 14.09 -2.48 14.56
C TYR A 22 14.04 -3.39 15.77
N ASN A 23 15.08 -3.34 16.60
CA ASN A 23 15.19 -4.21 17.76
C ASN A 23 14.07 -4.01 18.77
N THR A 24 13.81 -2.74 19.11
CA THR A 24 12.71 -2.33 19.97
C THR A 24 11.36 -2.86 19.50
N VAL A 25 11.04 -2.66 18.23
CA VAL A 25 9.77 -3.11 17.67
C VAL A 25 9.70 -4.62 17.65
N ALA A 26 10.80 -5.24 17.24
CA ALA A 26 10.85 -6.69 17.12
C ALA A 26 10.74 -7.35 18.48
N SER A 27 11.45 -6.80 19.47
CA SER A 27 11.36 -7.30 20.85
C SER A 27 9.93 -7.30 21.37
N LYS A 28 9.23 -6.19 21.18
CA LYS A 28 7.81 -6.12 21.58
C LYS A 28 7.01 -7.20 20.88
N PHE A 29 7.13 -7.28 19.55
CA PHE A 29 6.42 -8.27 18.75
C PHE A 29 6.70 -9.71 19.20
N ASN A 30 7.98 -10.01 19.44
CA ASN A 30 8.43 -11.35 19.81
C ASN A 30 8.09 -11.79 21.24
N GLN A 31 7.71 -10.87 22.12
CA GLN A 31 7.15 -11.24 23.44
C GLN A 31 6.01 -12.28 23.29
N THR A 32 5.15 -12.10 22.29
CA THR A 32 4.08 -13.08 22.02
C THR A 32 4.13 -13.74 20.64
N CYS A 33 4.97 -13.27 19.72
CA CYS A 33 4.94 -13.76 18.34
C CYS A 33 6.32 -14.17 17.81
N SER A 34 7.20 -14.64 18.71
CA SER A 34 8.55 -15.11 18.29
C SER A 34 8.52 -16.36 17.41
N HIS A 35 7.43 -17.11 17.45
CA HIS A 35 7.22 -18.22 16.53
C HIS A 35 7.04 -17.83 15.07
N PHE A 36 6.87 -16.54 14.78
CA PHE A 36 6.75 -16.04 13.41
C PHE A 36 8.10 -15.59 12.88
N ARG A 37 8.22 -15.59 11.56
CA ARG A 37 9.41 -15.10 10.87
C ARG A 37 9.14 -13.66 10.44
N ILE A 38 9.86 -12.70 10.98
CA ILE A 38 9.73 -11.30 10.54
C ILE A 38 10.47 -11.11 9.20
N GLU A 39 9.77 -10.71 8.15
CA GLU A 39 10.40 -10.39 6.84
C GLU A 39 10.97 -8.98 6.84
N LYS A 40 10.15 -8.00 7.23
CA LYS A 40 10.65 -6.64 7.41
C LYS A 40 9.82 -5.81 8.39
N ILE A 41 10.44 -4.71 8.80
CA ILE A 41 9.81 -3.70 9.65
C ILE A 41 10.05 -2.36 8.97
N GLU A 42 8.97 -1.63 8.71
CA GLU A 42 9.05 -0.31 8.05
C GLU A 42 8.47 0.79 8.88
N ARG A 43 9.13 1.96 8.91
CA ARG A 43 8.53 3.15 9.52
C ARG A 43 7.66 3.89 8.50
N ILE A 44 6.46 4.27 8.91
CA ILE A 44 5.53 5.02 8.06
C ILE A 44 5.66 6.47 8.48
N GLN A 45 5.98 7.34 7.51
CA GLN A 45 6.20 8.77 7.76
C GLN A 45 5.21 9.58 6.98
N ASN A 46 4.11 9.95 7.64
CA ASN A 46 3.02 10.71 7.07
C ASN A 46 2.95 11.97 7.95
N PRO A 47 3.51 13.12 7.47
CA PRO A 47 3.59 14.33 8.31
C PRO A 47 2.26 14.93 8.73
N ASP A 48 1.32 15.07 7.78
CA ASP A 48 0.02 15.63 8.13
C ASP A 48 -0.70 14.80 9.20
N LEU A 49 -0.70 13.47 9.04
CA LEU A 49 -1.36 12.59 10.02
C LEU A 49 -0.67 12.64 11.40
N TRP A 50 0.66 12.69 11.41
CA TRP A 50 1.45 12.76 12.63
C TRP A 50 1.15 14.03 13.38
N ASN A 51 1.25 15.16 12.67
CA ASN A 51 0.93 16.46 13.23
C ASN A 51 -0.44 16.44 13.87
N SER A 52 -1.47 16.00 13.13
CA SER A 52 -2.83 15.90 13.68
C SER A 52 -2.94 14.99 14.91
N TYR A 53 -2.17 13.90 14.94
CA TYR A 53 -2.11 13.00 16.10
C TYR A 53 -1.48 13.72 17.29
N GLN A 54 -0.33 14.35 17.08
CA GLN A 54 0.30 15.13 18.13
C GLN A 54 -0.63 16.28 18.64
N ALA A 55 -1.36 16.94 17.75
CA ALA A 55 -2.29 17.99 18.18
C ALA A 55 -3.32 17.43 19.19
N LYS A 56 -3.86 16.25 18.90
CA LYS A 56 -4.72 15.52 19.81
C LYS A 56 -3.97 15.16 21.09
N LYS A 57 -2.73 14.67 20.98
CA LYS A 57 -1.95 14.33 22.16
C LYS A 57 -1.76 15.51 23.11
N LYS A 58 -1.42 16.67 22.55
CA LYS A 58 -1.24 17.87 23.37
C LYS A 58 -2.50 18.18 24.17
N THR A 59 -3.67 18.17 23.51
CA THR A 59 -4.93 18.48 24.21
C THR A 59 -5.27 17.46 25.31
N MET A 60 -4.96 16.19 25.07
N MET A 60 -4.97 16.19 25.09
CA MET A 60 -5.20 15.13 26.06
CA MET A 60 -5.20 15.17 26.10
C MET A 60 -4.22 15.22 27.23
C MET A 60 -4.21 15.25 27.26
N ASP A 61 -2.94 15.47 26.94
CA ASP A 61 -1.90 15.63 27.97
C ASP A 61 -2.18 16.78 28.96
N ALA A 62 -2.82 17.85 28.49
CA ALA A 62 -3.21 18.96 29.37
C ALA A 62 -4.33 18.52 30.30
N LYS A 63 -5.31 17.83 29.72
CA LYS A 63 -6.56 17.49 30.37
C LYS A 63 -6.49 16.39 31.45
N ASN A 64 -5.67 15.36 31.25
CA ASN A 64 -5.75 14.13 32.04
C ASN A 64 -4.69 13.99 33.14
N GLY A 65 -4.00 15.08 33.47
CA GLY A 65 -3.07 15.07 34.60
C GLY A 65 -1.95 14.07 34.51
N GLN A 66 -1.75 13.32 35.59
CA GLN A 66 -0.73 12.26 35.63
C GLN A 66 -0.92 11.08 34.61
N THR A 67 -2.10 10.98 33.98
CA THR A 67 -2.41 9.86 33.11
C THR A 67 -1.38 9.77 31.98
N MET A 68 -0.84 8.58 31.76
CA MET A 68 -0.02 8.29 30.60
C MET A 68 -1.03 8.04 29.47
N ASN A 69 -1.19 9.02 28.62
CA ASN A 69 -2.26 8.98 27.64
C ASN A 69 -1.97 8.09 26.44
N GLU A 70 -0.72 7.76 26.21
CA GLU A 70 -0.31 7.05 25.01
C GLU A 70 0.13 5.63 25.35
N LYS A 71 -0.28 4.68 24.50
CA LYS A 71 0.21 3.31 24.54
C LYS A 71 0.66 2.94 23.15
N GLN A 72 1.61 2.02 23.04
CA GLN A 72 1.93 1.38 21.76
C GLN A 72 1.28 0.01 21.69
N LEU A 73 0.42 -0.14 20.70
CA LEU A 73 -0.46 -1.28 20.54
C LEU A 73 -0.41 -1.87 19.12
N PHE A 74 -0.94 -3.08 18.96
CA PHE A 74 -0.85 -3.77 17.70
C PHE A 74 -2.19 -3.74 16.95
N HIS A 75 -2.12 -3.71 15.62
CA HIS A 75 -3.30 -3.82 14.77
C HIS A 75 -2.94 -4.59 13.51
N GLY A 76 -3.53 -5.77 13.39
CA GLY A 76 -3.44 -6.57 12.16
C GLY A 76 -4.46 -6.14 11.12
N THR A 77 -4.04 -6.12 9.87
CA THR A 77 -4.98 -5.91 8.79
C THR A 77 -4.53 -6.63 7.51
N ASP A 78 -5.43 -6.69 6.55
CA ASP A 78 -5.16 -7.28 5.24
C ASP A 78 -4.22 -6.40 4.41
N ALA A 79 -3.48 -7.02 3.50
CA ALA A 79 -2.60 -6.31 2.56
C ALA A 79 -3.28 -5.11 1.89
N GLY A 80 -4.54 -5.27 1.51
CA GLY A 80 -5.31 -4.28 0.78
C GLY A 80 -5.63 -3.00 1.54
N SER A 81 -5.61 -3.06 2.87
CA SER A 81 -5.80 -1.87 3.72
C SER A 81 -4.54 -1.07 3.95
N VAL A 82 -3.37 -1.64 3.64
CA VAL A 82 -2.11 -0.98 3.97
C VAL A 82 -2.00 0.39 3.29
N PRO A 83 -2.39 0.47 2.01
CA PRO A 83 -2.38 1.79 1.37
C PRO A 83 -3.31 2.77 2.07
N HIS A 84 -4.54 2.36 2.38
CA HIS A 84 -5.49 3.23 3.05
C HIS A 84 -4.96 3.77 4.40
N VAL A 85 -4.43 2.86 5.22
CA VAL A 85 -3.94 3.17 6.57
C VAL A 85 -2.73 4.08 6.53
N ASN A 86 -1.82 3.82 5.60
CA ASN A 86 -0.61 4.64 5.46
C ASN A 86 -0.94 6.13 5.15
N ARG A 87 -2.04 6.35 4.43
CA ARG A 87 -2.45 7.67 4.00
C ARG A 87 -3.38 8.36 5.01
N ASN A 88 -4.35 7.61 5.52
CA ASN A 88 -5.47 8.13 6.27
C ASN A 88 -5.54 7.65 7.74
N GLY A 89 -4.60 6.80 8.18
CA GLY A 89 -4.67 6.08 9.48
C GLY A 89 -5.96 5.28 9.59
N PHE A 90 -6.48 5.17 10.81
CA PHE A 90 -7.64 4.34 11.06
C PHE A 90 -8.83 5.28 11.17
N ASN A 91 -9.26 5.79 10.02
CA ASN A 91 -10.29 6.84 9.94
C ASN A 91 -11.67 6.21 9.74
N ARG A 92 -12.67 7.02 9.36
CA ARG A 92 -14.08 6.57 9.22
C ARG A 92 -14.32 5.49 8.15
N SER A 93 -13.69 5.64 6.98
CA SER A 93 -13.90 4.69 5.88
C SER A 93 -12.98 3.43 5.95
N TYR A 94 -12.21 3.29 7.04
CA TYR A 94 -11.37 2.11 7.23
C TYR A 94 -12.27 0.87 7.33
N ALA A 95 -12.15 -0.01 6.32
CA ALA A 95 -13.04 -1.16 6.15
C ALA A 95 -13.02 -2.17 7.30
N GLY A 96 -11.84 -2.38 7.93
CA GLY A 96 -11.67 -3.35 9.02
C GLY A 96 -12.33 -2.99 10.34
N LYS A 97 -13.66 -2.90 10.33
CA LYS A 97 -14.48 -2.60 11.52
C LYS A 97 -15.70 -3.51 11.50
N ASN A 98 -15.44 -4.82 11.58
CA ASN A 98 -16.50 -5.81 11.72
C ASN A 98 -16.69 -6.28 13.17
N ALA A 99 -15.67 -6.07 14.02
CA ALA A 99 -15.80 -6.32 15.46
C ALA A 99 -16.69 -5.24 16.08
N VAL A 100 -17.69 -5.68 16.83
CA VAL A 100 -18.71 -4.79 17.36
C VAL A 100 -18.89 -4.90 18.88
N ALA A 101 -18.42 -5.99 19.52
CA ALA A 101 -18.87 -6.34 20.87
C ALA A 101 -18.52 -5.31 21.96
N TYR A 102 -17.39 -4.61 21.81
CA TYR A 102 -17.00 -3.50 22.70
C TYR A 102 -17.20 -2.10 22.07
N GLY A 103 -17.87 -2.05 20.92
CA GLY A 103 -18.17 -0.78 20.24
C GLY A 103 -17.79 -0.83 18.78
N LYS A 104 -18.43 0.02 17.98
CA LYS A 104 -18.13 0.17 16.56
C LYS A 104 -17.01 1.20 16.44
N GLY A 105 -15.77 0.72 16.42
CA GLY A 105 -14.58 1.58 16.33
C GLY A 105 -13.42 0.75 15.80
N THR A 106 -12.20 1.28 15.92
CA THR A 106 -10.99 0.53 15.58
C THR A 106 -10.34 -0.13 16.81
N TYR A 107 -10.06 -1.43 16.68
CA TYR A 107 -9.52 -2.24 17.79
C TYR A 107 -8.00 -2.33 17.71
N PHE A 108 -7.35 -2.16 18.85
CA PHE A 108 -5.92 -2.33 19.00
C PHE A 108 -5.64 -3.28 20.16
N ALA A 109 -4.64 -4.14 19.98
CA ALA A 109 -4.26 -5.16 20.96
C ALA A 109 -3.04 -4.77 21.75
N VAL A 110 -3.05 -5.11 23.04
CA VAL A 110 -1.89 -4.94 23.91
C VAL A 110 -0.71 -5.80 23.45
N ASN A 111 -1.01 -7.03 23.04
CA ASN A 111 0.02 -7.98 22.61
C ASN A 111 -0.16 -8.34 21.15
N ALA A 112 0.96 -8.64 20.49
CA ALA A 112 0.93 -8.91 19.05
C ALA A 112 0.09 -10.11 18.68
N ASN A 113 0.06 -11.14 19.54
CA ASN A 113 -0.65 -12.40 19.23
C ASN A 113 -2.11 -12.24 18.84
N TYR A 114 -2.83 -11.33 19.51
CA TYR A 114 -4.20 -11.02 19.08
C TYR A 114 -4.25 -10.57 17.61
N SER A 115 -3.38 -9.61 17.29
CA SER A 115 -3.32 -9.02 15.97
C SER A 115 -2.78 -9.95 14.88
N ALA A 116 -1.97 -10.92 15.30
CA ALA A 116 -1.44 -11.95 14.40
C ALA A 116 -2.44 -13.00 13.96
N ASN A 117 -3.65 -12.99 14.52
CA ASN A 117 -4.75 -13.85 14.08
C ASN A 117 -4.96 -13.66 12.60
N ASP A 118 -5.15 -14.77 11.89
CA ASP A 118 -5.36 -14.71 10.44
C ASP A 118 -6.62 -13.96 10.02
N THR A 119 -7.63 -13.90 10.89
CA THR A 119 -8.83 -13.09 10.60
C THR A 119 -8.51 -11.57 10.49
N TYR A 120 -7.50 -11.12 11.23
CA TYR A 120 -7.13 -9.71 11.22
C TYR A 120 -5.99 -9.48 10.23
N SER A 121 -4.80 -10.05 10.49
CA SER A 121 -3.71 -9.98 9.55
C SER A 121 -3.83 -11.11 8.49
N ARG A 122 -4.83 -11.00 7.62
CA ARG A 122 -5.14 -12.03 6.62
C ARG A 122 -3.92 -12.29 5.76
N PRO A 123 -3.46 -13.56 5.66
CA PRO A 123 -2.33 -13.79 4.76
C PRO A 123 -2.73 -13.49 3.31
N ASP A 124 -1.87 -12.76 2.61
CA ASP A 124 -2.11 -12.45 1.19
C ASP A 124 -1.77 -13.68 0.32
N ALA A 125 -1.89 -13.52 -1.01
CA ALA A 125 -1.55 -14.58 -1.98
C ALA A 125 -0.11 -15.14 -1.84
N ASN A 126 0.80 -14.36 -1.31
CA ASN A 126 2.19 -14.80 -1.05
C ASN A 126 2.50 -15.21 0.39
N GLY A 127 1.44 -15.43 1.19
CA GLY A 127 1.56 -15.86 2.59
C GLY A 127 1.96 -14.82 3.63
N ARG A 128 2.14 -13.56 3.21
CA ARG A 128 2.67 -12.53 4.10
C ARG A 128 1.55 -11.93 4.95
N LYS A 129 1.87 -11.66 6.22
CA LYS A 129 0.93 -11.07 7.16
C LYS A 129 1.41 -9.69 7.59
N HIS A 130 0.44 -8.80 7.88
CA HIS A 130 0.70 -7.38 8.13
C HIS A 130 0.14 -6.91 9.47
N VAL A 131 1.03 -6.50 10.36
CA VAL A 131 0.68 -5.92 11.67
C VAL A 131 1.40 -4.62 11.92
N TYR A 132 0.59 -3.59 12.21
CA TYR A 132 1.08 -2.28 12.61
C TYR A 132 1.33 -2.22 14.09
N TYR A 133 2.42 -1.58 14.48
CA TYR A 133 2.72 -1.22 15.87
C TYR A 133 2.45 0.28 15.98
N VAL A 134 1.35 0.60 16.65
CA VAL A 134 0.64 1.89 16.56
C VAL A 134 0.70 2.70 17.87
N ARG A 135 0.97 4.00 17.76
CA ARG A 135 0.81 4.91 18.90
C ARG A 135 -0.66 5.23 19.04
N VAL A 136 -1.27 4.91 20.20
CA VAL A 136 -2.72 5.10 20.41
C VAL A 136 -2.94 5.93 21.68
N LEU A 137 -3.77 6.96 21.55
CA LEU A 137 -4.14 7.83 22.67
C LEU A 137 -5.30 7.23 23.44
N THR A 138 -4.96 6.30 24.31
CA THR A 138 -5.96 5.58 25.12
C THR A 138 -6.61 6.48 26.19
N GLY A 139 -5.85 7.45 26.68
CA GLY A 139 -6.33 8.43 27.67
C GLY A 139 -7.00 7.78 28.88
N ILE A 140 -8.20 8.25 29.23
CA ILE A 140 -8.97 7.72 30.35
C ILE A 140 -9.99 6.85 29.68
N TYR A 141 -10.05 5.59 30.11
CA TYR A 141 -10.94 4.62 29.48
C TYR A 141 -11.87 3.90 30.45
N THR A 142 -12.91 3.28 29.89
CA THR A 142 -13.86 2.46 30.63
C THR A 142 -14.23 1.18 29.82
N HIS A 143 -15.08 0.34 30.39
CA HIS A 143 -15.57 -0.87 29.72
C HIS A 143 -16.40 -0.51 28.51
N GLY A 144 -16.17 -1.20 27.40
CA GLY A 144 -16.94 -0.96 26.16
C GLY A 144 -18.20 -1.81 26.16
N ASN A 145 -19.10 -1.55 25.23
CA ASN A 145 -20.28 -2.41 25.01
C ASN A 145 -20.74 -2.36 23.56
N HIS A 146 -21.58 -3.31 23.16
CA HIS A 146 -21.90 -3.52 21.74
C HIS A 146 -22.52 -2.30 21.03
N SER A 147 -23.25 -1.47 21.78
CA SER A 147 -24.02 -0.36 21.18
C SER A 147 -23.23 0.91 20.87
N LEU A 148 -21.98 1.01 21.31
CA LEU A 148 -21.23 2.27 21.18
C LEU A 148 -20.81 2.57 19.76
N ILE A 149 -21.09 3.81 19.33
CA ILE A 149 -20.47 4.41 18.14
C ILE A 149 -19.50 5.53 18.53
N VAL A 150 -19.54 5.96 19.78
CA VAL A 150 -18.52 6.84 20.36
C VAL A 150 -18.40 6.40 21.82
N PRO A 151 -17.37 6.86 22.54
CA PRO A 151 -17.26 6.36 23.93
C PRO A 151 -18.43 6.77 24.81
N PRO A 152 -18.67 6.06 25.93
CA PRO A 152 -19.73 6.52 26.83
C PRO A 152 -19.38 7.83 27.55
N SER A 153 -20.42 8.50 28.04
CA SER A 153 -20.26 9.67 28.87
C SER A 153 -19.77 9.22 30.24
N LYS A 154 -18.95 10.08 30.85
CA LYS A 154 -18.39 9.80 32.17
C LYS A 154 -19.49 9.87 33.21
N ASN A 155 -20.38 10.85 33.04
CA ASN A 155 -21.55 11.03 33.89
C ASN A 155 -22.74 11.32 32.96
N PRO A 156 -23.83 10.52 33.07
CA PRO A 156 -24.96 10.71 32.15
C PRO A 156 -25.60 12.11 32.21
N GLN A 157 -25.45 12.80 33.33
CA GLN A 157 -25.88 14.21 33.42
C GLN A 157 -25.14 15.20 32.50
N ASN A 158 -23.98 14.81 31.98
CA ASN A 158 -23.38 15.54 30.86
C ASN A 158 -23.13 14.54 29.73
N PRO A 159 -24.11 14.41 28.80
CA PRO A 159 -23.95 13.44 27.71
C PRO A 159 -22.81 13.73 26.74
N THR A 160 -22.24 14.96 26.75
CA THR A 160 -21.23 15.38 25.79
C THR A 160 -19.79 15.22 26.27
N ASP A 161 -19.58 14.90 27.54
CA ASP A 161 -18.22 14.71 28.07
C ASP A 161 -17.91 13.20 28.19
N LEU A 162 -17.13 12.69 27.25
CA LEU A 162 -16.97 11.26 27.03
C LEU A 162 -15.57 10.77 27.46
N TYR A 163 -15.47 9.46 27.72
CA TYR A 163 -14.17 8.79 27.85
C TYR A 163 -13.39 8.92 26.53
N ASP A 164 -12.08 8.69 26.58
CA ASP A 164 -11.25 8.78 25.40
C ASP A 164 -11.26 7.49 24.57
N THR A 165 -11.17 6.34 25.24
CA THR A 165 -11.32 5.01 24.61
C THR A 165 -12.11 4.08 25.52
N VAL A 166 -12.39 2.88 25.01
CA VAL A 166 -12.94 1.81 25.81
C VAL A 166 -12.06 0.59 25.69
N THR A 167 -12.25 -0.33 26.64
CA THR A 167 -11.43 -1.54 26.75
C THR A 167 -12.30 -2.71 27.15
N ASP A 168 -11.76 -3.92 27.05
CA ASP A 168 -12.47 -5.13 27.47
C ASP A 168 -12.42 -5.36 28.99
N ASN A 169 -11.42 -4.81 29.66
CA ASN A 169 -11.15 -5.06 31.08
C ASN A 169 -10.33 -3.89 31.59
N VAL A 170 -10.93 -3.06 32.45
CA VAL A 170 -10.36 -1.75 32.77
C VAL A 170 -9.04 -1.89 33.52
N HIS A 171 -8.95 -2.82 34.45
CA HIS A 171 -7.75 -2.94 35.27
C HIS A 171 -6.76 -4.01 34.78
N HIS A 172 -7.19 -4.92 33.89
CA HIS A 172 -6.24 -5.73 33.08
C HIS A 172 -6.64 -5.74 31.57
N PRO A 173 -6.41 -4.62 30.87
CA PRO A 173 -6.77 -4.51 29.44
C PRO A 173 -5.99 -5.46 28.52
N SER A 174 -6.69 -6.08 27.58
CA SER A 174 -6.03 -6.76 26.46
C SER A 174 -6.29 -6.08 25.11
N LEU A 175 -7.31 -5.21 25.03
CA LEU A 175 -7.61 -4.46 23.81
C LEU A 175 -8.18 -3.08 24.14
N PHE A 176 -8.06 -2.16 23.17
CA PHE A 176 -8.63 -0.84 23.27
C PHE A 176 -9.34 -0.52 21.97
N VAL A 177 -10.48 0.20 22.05
CA VAL A 177 -11.22 0.64 20.90
C VAL A 177 -11.18 2.18 20.87
N ALA A 178 -10.71 2.72 19.75
CA ALA A 178 -10.67 4.17 19.47
C ALA A 178 -11.74 4.52 18.46
N PHE A 179 -12.36 5.68 18.63
CA PHE A 179 -13.52 6.09 17.83
C PHE A 179 -13.28 7.33 16.97
N TYR A 180 -12.16 8.01 17.13
CA TYR A 180 -11.95 9.29 16.42
C TYR A 180 -10.76 9.21 15.52
N ASP A 181 -10.73 10.08 14.51
CA ASP A 181 -9.53 10.24 13.67
C ASP A 181 -8.44 10.87 14.52
N TYR A 182 -7.19 10.66 14.12
CA TYR A 182 -6.02 11.28 14.75
C TYR A 182 -5.76 10.81 16.17
N GLN A 183 -6.50 9.81 16.61
CA GLN A 183 -6.27 9.18 17.89
C GLN A 183 -5.23 8.05 17.80
N ALA A 184 -4.87 7.65 16.58
CA ALA A 184 -3.85 6.61 16.39
C ALA A 184 -2.97 6.91 15.19
N TYR A 185 -1.67 6.73 15.37
CA TYR A 185 -0.69 6.94 14.34
C TYR A 185 0.01 5.61 13.99
N PRO A 186 -0.12 5.21 12.70
CA PRO A 186 0.44 3.91 12.26
C PRO A 186 1.96 3.90 12.04
N GLU A 187 2.69 3.93 13.14
CA GLU A 187 4.12 4.22 13.10
C GLU A 187 4.97 3.17 12.41
N TYR A 188 4.71 1.90 12.67
CA TYR A 188 5.51 0.83 12.09
C TYR A 188 4.64 -0.24 11.49
N LEU A 189 5.07 -0.78 10.34
CA LEU A 189 4.40 -1.93 9.73
C LEU A 189 5.37 -3.13 9.81
N ILE A 190 4.87 -4.24 10.35
CA ILE A 190 5.64 -5.46 10.50
C ILE A 190 5.07 -6.41 9.49
N THR A 191 5.93 -6.87 8.58
CA THR A 191 5.55 -7.87 7.57
C THR A 191 6.21 -9.18 7.97
N PHE A 192 5.42 -10.23 8.10
CA PHE A 192 5.94 -11.46 8.69
C PHE A 192 5.22 -12.66 8.12
N ARG A 193 5.73 -13.85 8.44
CA ARG A 193 5.10 -15.09 7.97
C ARG A 193 5.28 -16.25 8.95
N LYS A 194 4.53 -17.32 8.68
CA LYS A 194 4.60 -18.57 9.47
C LYS A 194 5.89 -19.38 9.21
N GLN B 7 15.82 -0.60 1.42
CA GLN B 7 16.14 -0.91 0.00
C GLN B 7 14.92 -0.62 -0.88
N GLN B 8 15.10 0.26 -1.85
CA GLN B 8 13.99 0.76 -2.66
C GLN B 8 12.85 1.37 -1.79
N ASN B 9 13.25 2.14 -0.76
CA ASN B 9 12.34 2.98 0.01
C ASN B 9 11.67 3.94 -0.94
N PHE B 10 10.52 4.42 -0.54
CA PHE B 10 9.75 5.26 -1.41
C PHE B 10 8.83 6.21 -0.67
N CYS B 11 8.35 7.19 -1.40
CA CYS B 11 7.38 8.17 -0.97
C CYS B 11 6.28 8.21 -2.00
N VAL B 12 5.10 8.54 -1.53
CA VAL B 12 3.94 8.73 -2.38
C VAL B 12 3.51 10.18 -2.20
N VAL B 13 3.26 10.86 -3.32
CA VAL B 13 2.95 12.30 -3.37
C VAL B 13 1.72 12.44 -4.24
N GLU B 14 0.68 13.12 -3.78
CA GLU B 14 -0.51 13.33 -4.60
C GLU B 14 -0.20 14.30 -5.71
N LEU B 15 -0.64 13.95 -6.91
CA LEU B 15 -0.58 14.81 -8.07
C LEU B 15 -1.91 15.56 -8.07
N LEU B 16 -1.85 16.87 -7.86
CA LEU B 16 -3.03 17.71 -7.82
C LEU B 16 -3.39 18.23 -9.21
N PRO B 17 -4.65 18.63 -9.43
CA PRO B 17 -5.06 19.21 -10.72
C PRO B 17 -4.22 20.42 -11.16
N SER B 18 -3.71 21.18 -10.19
CA SER B 18 -2.78 22.26 -10.47
C SER B 18 -1.36 21.85 -10.86
N ASP B 19 -0.94 20.61 -10.58
CA ASP B 19 0.40 20.14 -11.01
C ASP B 19 0.49 19.97 -12.53
N PRO B 20 1.66 20.32 -13.11
CA PRO B 20 1.81 20.43 -14.57
C PRO B 20 1.54 19.15 -15.37
N GLU B 21 1.73 17.98 -14.76
CA GLU B 21 1.54 16.69 -15.42
C GLU B 21 0.11 16.18 -15.34
N TYR B 22 -0.73 16.84 -14.54
CA TYR B 22 -2.04 16.28 -14.22
C TYR B 22 -2.91 16.17 -15.45
N ASN B 23 -3.01 17.26 -16.20
CA ASN B 23 -3.86 17.28 -17.39
C ASN B 23 -3.49 16.11 -18.31
N THR B 24 -2.20 15.89 -18.51
CA THR B 24 -1.69 14.80 -19.34
C THR B 24 -2.11 13.42 -18.86
N VAL B 25 -1.89 13.13 -17.57
CA VAL B 25 -2.17 11.77 -17.04
C VAL B 25 -3.67 11.48 -17.06
N ALA B 26 -4.45 12.44 -16.57
CA ALA B 26 -5.90 12.37 -16.56
C ALA B 26 -6.48 12.21 -17.95
N SER B 27 -6.00 13.02 -18.91
CA SER B 27 -6.43 12.94 -20.31
C SER B 27 -6.21 11.57 -20.88
N LYS B 28 -4.99 11.05 -20.73
CA LYS B 28 -4.70 9.71 -21.24
C LYS B 28 -5.66 8.69 -20.66
N PHE B 29 -5.82 8.68 -19.34
CA PHE B 29 -6.78 7.77 -18.67
C PHE B 29 -8.19 7.96 -19.23
N ASN B 30 -8.63 9.23 -19.29
CA ASN B 30 -9.97 9.58 -19.81
C ASN B 30 -10.21 9.37 -21.31
N GLN B 31 -9.18 9.13 -22.12
CA GLN B 31 -9.42 8.70 -23.50
C GLN B 31 -10.32 7.48 -23.56
N THR B 32 -10.19 6.57 -22.61
CA THR B 32 -11.05 5.39 -22.59
C THR B 32 -11.76 5.12 -21.26
N CYS B 33 -11.54 5.94 -20.24
CA CYS B 33 -12.10 5.66 -18.90
C CYS B 33 -12.89 6.83 -18.30
N SER B 34 -13.35 7.73 -19.16
CA SER B 34 -14.05 8.92 -18.70
C SER B 34 -15.42 8.59 -18.09
N HIS B 35 -15.93 7.38 -18.35
CA HIS B 35 -17.09 6.86 -17.61
C HIS B 35 -16.82 6.44 -16.15
N PHE B 36 -15.56 6.46 -15.69
CA PHE B 36 -15.22 6.25 -14.30
C PHE B 36 -14.91 7.62 -13.74
N ARG B 37 -14.90 7.73 -12.41
CA ARG B 37 -14.52 8.98 -11.77
C ARG B 37 -13.22 8.81 -10.98
N ILE B 38 -12.24 9.64 -11.33
CA ILE B 38 -10.94 9.62 -10.68
C ILE B 38 -11.08 10.22 -9.30
N GLU B 39 -10.59 9.50 -8.29
CA GLU B 39 -10.55 9.94 -6.91
C GLU B 39 -9.25 10.63 -6.56
N LYS B 40 -8.16 10.06 -7.04
CA LYS B 40 -6.84 10.54 -6.69
C LYS B 40 -5.83 10.08 -7.77
N ILE B 41 -4.78 10.87 -7.98
CA ILE B 41 -3.63 10.46 -8.77
C ILE B 41 -2.44 10.72 -7.89
N GLU B 42 -1.52 9.77 -7.79
CA GLU B 42 -0.32 9.90 -6.97
C GLU B 42 0.92 9.54 -7.75
N ARG B 43 2.02 10.23 -7.45
CA ARG B 43 3.29 9.91 -8.02
C ARG B 43 4.04 9.04 -7.04
N ILE B 44 4.62 7.96 -7.56
CA ILE B 44 5.41 7.07 -6.77
C ILE B 44 6.89 7.46 -6.94
N GLN B 45 7.55 7.79 -5.82
CA GLN B 45 8.94 8.24 -5.83
C GLN B 45 9.83 7.23 -5.15
N ASN B 46 10.48 6.41 -5.96
CA ASN B 46 11.28 5.31 -5.47
C ASN B 46 12.61 5.48 -6.23
N PRO B 47 13.56 6.23 -5.62
CA PRO B 47 14.85 6.56 -6.23
C PRO B 47 15.64 5.37 -6.79
N ASP B 48 15.72 4.29 -6.02
CA ASP B 48 16.46 3.11 -6.44
C ASP B 48 15.85 2.42 -7.66
N LEU B 49 14.52 2.28 -7.62
CA LEU B 49 13.79 1.69 -8.72
C LEU B 49 13.93 2.57 -9.96
N TRP B 50 13.82 3.89 -9.76
CA TRP B 50 13.95 4.86 -10.83
C TRP B 50 15.35 4.82 -11.46
N ASN B 51 16.36 4.81 -10.62
CA ASN B 51 17.75 4.80 -11.09
C ASN B 51 18.13 3.53 -11.87
N SER B 52 17.64 2.39 -11.41
CA SER B 52 17.78 1.16 -12.13
C SER B 52 17.07 1.14 -13.48
N TYR B 53 15.83 1.60 -13.50
CA TYR B 53 15.04 1.72 -14.71
C TYR B 53 15.75 2.64 -15.73
N GLN B 54 16.19 3.80 -15.24
CA GLN B 54 16.91 4.75 -16.09
C GLN B 54 18.22 4.20 -16.64
N ALA B 55 18.94 3.40 -15.84
CA ALA B 55 20.15 2.72 -16.33
C ALA B 55 19.84 1.79 -17.49
N LYS B 56 18.80 0.98 -17.30
CA LYS B 56 18.33 0.15 -18.41
C LYS B 56 17.93 0.95 -19.64
N LYS B 57 17.20 2.04 -19.46
CA LYS B 57 16.82 2.88 -20.57
C LYS B 57 18.06 3.43 -21.30
N LYS B 58 19.06 3.86 -20.55
CA LYS B 58 20.27 4.42 -21.17
C LYS B 58 20.91 3.39 -22.11
N THR B 59 21.01 2.16 -21.64
CA THR B 59 21.57 1.06 -22.39
C THR B 59 20.78 0.77 -23.64
N MET B 60 19.46 0.78 -23.52
CA MET B 60 18.60 0.53 -24.67
C MET B 60 18.67 1.62 -25.70
N ASP B 61 18.70 2.86 -25.23
CA ASP B 61 18.81 4.03 -26.09
C ASP B 61 20.14 4.02 -26.88
N ALA B 62 21.19 3.51 -26.25
CA ALA B 62 22.52 3.44 -26.90
C ALA B 62 22.60 2.37 -27.98
N LYS B 63 21.66 1.43 -27.97
CA LYS B 63 21.66 0.24 -28.80
C LYS B 63 20.59 0.20 -29.92
N ASN B 64 19.41 0.76 -29.71
CA ASN B 64 18.26 0.58 -30.64
C ASN B 64 18.05 1.74 -31.61
N GLY B 65 19.05 2.61 -31.72
CA GLY B 65 19.08 3.63 -32.77
C GLY B 65 17.96 4.63 -32.63
N GLN B 66 17.18 4.79 -33.70
CA GLN B 66 16.07 5.73 -33.73
C GLN B 66 14.85 5.24 -32.92
N THR B 67 14.87 4.02 -32.44
CA THR B 67 13.72 3.45 -31.74
C THR B 67 13.42 4.25 -30.49
N MET B 68 12.15 4.60 -30.34
CA MET B 68 11.63 5.20 -29.12
C MET B 68 11.36 4.04 -28.17
N ASN B 69 12.27 3.84 -27.25
CA ASN B 69 12.26 2.60 -26.45
C ASN B 69 11.16 2.54 -25.40
N GLU B 70 10.64 3.70 -25.01
CA GLU B 70 9.75 3.79 -23.87
C GLU B 70 8.33 4.09 -24.34
N LYS B 71 7.37 3.47 -23.67
CA LYS B 71 5.96 3.82 -23.81
C LYS B 71 5.37 4.01 -22.43
N GLN B 72 4.27 4.75 -22.34
CA GLN B 72 3.53 4.86 -21.11
C GLN B 72 2.24 4.04 -21.25
N LEU B 73 2.12 3.04 -20.40
CA LEU B 73 1.08 2.02 -20.50
C LEU B 73 0.38 1.85 -19.15
N PHE B 74 -0.75 1.13 -19.12
CA PHE B 74 -1.51 0.94 -17.89
C PHE B 74 -1.38 -0.46 -17.29
N HIS B 75 -1.47 -0.56 -15.95
CA HIS B 75 -1.51 -1.84 -15.26
C HIS B 75 -2.43 -1.78 -14.06
N GLY B 76 -3.58 -2.44 -14.15
CA GLY B 76 -4.48 -2.57 -13.02
C GLY B 76 -4.01 -3.63 -12.05
N THR B 77 -4.30 -3.44 -10.78
CA THR B 77 -3.95 -4.42 -9.77
C THR B 77 -4.86 -4.25 -8.56
N ASP B 78 -4.80 -5.20 -7.65
CA ASP B 78 -5.58 -5.13 -6.41
C ASP B 78 -4.86 -4.23 -5.42
N ALA B 79 -5.62 -3.63 -4.52
CA ALA B 79 -5.08 -2.76 -3.49
C ALA B 79 -3.91 -3.39 -2.73
N GLY B 80 -4.00 -4.69 -2.45
CA GLY B 80 -2.97 -5.40 -1.70
C GLY B 80 -1.59 -5.47 -2.36
N SER B 81 -1.59 -5.44 -3.70
CA SER B 81 -0.36 -5.42 -4.49
C SER B 81 0.29 -4.03 -4.58
N VAL B 82 -0.48 -2.97 -4.25
CA VAL B 82 0.00 -1.60 -4.36
C VAL B 82 1.29 -1.35 -3.59
N PRO B 83 1.36 -1.74 -2.32
CA PRO B 83 2.64 -1.57 -1.60
C PRO B 83 3.80 -2.42 -2.16
N HIS B 84 3.50 -3.60 -2.70
CA HIS B 84 4.55 -4.44 -3.30
C HIS B 84 5.17 -3.76 -4.54
N VAL B 85 4.30 -3.17 -5.36
CA VAL B 85 4.70 -2.53 -6.59
C VAL B 85 5.44 -1.23 -6.31
N ASN B 86 4.97 -0.49 -5.30
CA ASN B 86 5.61 0.79 -4.96
C ASN B 86 7.05 0.59 -4.55
N ARG B 87 7.33 -0.53 -3.91
CA ARG B 87 8.69 -0.87 -3.50
C ARG B 87 9.50 -1.63 -4.56
N ASN B 88 8.89 -2.62 -5.21
CA ASN B 88 9.62 -3.60 -6.06
C ASN B 88 9.36 -3.41 -7.54
N GLY B 89 8.53 -2.45 -7.90
CA GLY B 89 8.06 -2.35 -9.26
C GLY B 89 7.40 -3.67 -9.66
N PHE B 90 7.65 -4.06 -10.90
CA PHE B 90 7.08 -5.28 -11.46
C PHE B 90 8.10 -6.42 -11.51
N ASN B 91 9.25 -6.22 -10.89
CA ASN B 91 10.23 -7.29 -10.76
C ASN B 91 9.67 -8.45 -9.95
N ARG B 92 9.93 -9.68 -10.39
CA ARG B 92 9.59 -10.89 -9.61
C ARG B 92 10.88 -11.67 -9.28
N SER B 93 10.82 -12.60 -8.32
CA SER B 93 11.99 -13.46 -8.01
C SER B 93 11.64 -14.77 -7.32
N ALA B 99 18.04 -19.88 -14.35
CA ALA B 99 18.28 -20.86 -15.44
C ALA B 99 18.23 -20.22 -16.85
N VAL B 100 17.35 -19.22 -17.02
CA VAL B 100 17.11 -18.56 -18.31
C VAL B 100 17.31 -17.03 -18.23
N ALA B 101 17.40 -16.40 -19.41
CA ALA B 101 17.69 -14.97 -19.54
C ALA B 101 16.55 -13.97 -19.24
N TYR B 102 15.38 -14.44 -18.81
CA TYR B 102 14.16 -13.62 -18.68
C TYR B 102 13.25 -14.15 -17.57
N GLY B 103 12.26 -13.35 -17.18
CA GLY B 103 11.29 -13.72 -16.17
C GLY B 103 9.89 -13.99 -16.72
N LYS B 104 8.98 -14.32 -15.82
CA LYS B 104 7.57 -14.51 -16.16
C LYS B 104 7.03 -13.17 -16.69
N GLY B 105 6.13 -13.22 -17.66
CA GLY B 105 5.66 -11.98 -18.29
C GLY B 105 4.87 -11.09 -17.34
N THR B 106 5.02 -9.77 -17.46
CA THR B 106 4.10 -8.81 -16.84
C THR B 106 3.39 -8.05 -17.96
N TYR B 107 2.06 -8.02 -17.91
CA TYR B 107 1.25 -7.32 -18.91
C TYR B 107 0.92 -5.82 -18.62
N PHE B 108 0.95 -5.04 -19.69
CA PHE B 108 0.55 -3.64 -19.67
C PHE B 108 -0.35 -3.40 -20.86
N ALA B 109 -1.34 -2.54 -20.67
CA ALA B 109 -2.29 -2.21 -21.68
C ALA B 109 -2.04 -0.84 -22.27
N VAL B 110 -2.21 -0.73 -23.58
CA VAL B 110 -2.19 0.59 -24.25
C VAL B 110 -3.31 1.49 -23.74
N ASN B 111 -4.51 0.93 -23.60
CA ASN B 111 -5.69 1.72 -23.16
C ASN B 111 -6.08 1.43 -21.72
N ALA B 112 -6.43 2.49 -21.00
CA ALA B 112 -6.78 2.36 -19.57
C ALA B 112 -7.98 1.42 -19.36
N ASN B 113 -8.96 1.48 -20.26
N ASN B 113 -8.98 1.48 -20.23
CA ASN B 113 -10.20 0.67 -20.15
CA ASN B 113 -10.19 0.66 -20.06
C ASN B 113 -9.95 -0.83 -20.07
C ASN B 113 -9.91 -0.84 -19.99
N TYR B 114 -8.88 -1.30 -20.70
CA TYR B 114 -8.43 -2.70 -20.56
C TYR B 114 -8.02 -3.01 -19.12
N SER B 115 -7.14 -2.17 -18.54
CA SER B 115 -6.67 -2.38 -17.17
C SER B 115 -7.76 -2.08 -16.11
N ALA B 116 -8.78 -1.32 -16.49
CA ALA B 116 -9.90 -0.97 -15.61
C ALA B 116 -10.90 -2.12 -15.37
N ASN B 117 -10.72 -3.25 -16.07
CA ASN B 117 -11.49 -4.48 -15.82
C ASN B 117 -11.31 -4.95 -14.39
N ASP B 118 -12.42 -5.33 -13.72
CA ASP B 118 -12.37 -5.79 -12.33
C ASP B 118 -11.46 -6.97 -12.07
N THR B 119 -11.22 -7.82 -13.07
N THR B 119 -11.26 -7.79 -13.10
CA THR B 119 -10.26 -8.90 -12.90
CA THR B 119 -10.29 -8.88 -13.07
C THR B 119 -8.82 -8.42 -12.65
C THR B 119 -8.85 -8.42 -12.69
N TYR B 120 -8.51 -7.19 -13.09
CA TYR B 120 -7.16 -6.61 -12.90
C TYR B 120 -7.17 -5.63 -11.73
N SER B 121 -7.89 -4.51 -11.89
CA SER B 121 -8.03 -3.52 -10.84
C SER B 121 -9.26 -3.87 -9.97
N ARG B 122 -9.06 -4.90 -9.16
CA ARG B 122 -10.14 -5.47 -8.36
C ARG B 122 -10.58 -4.40 -7.35
N PRO B 123 -11.88 -4.07 -7.32
CA PRO B 123 -12.30 -3.05 -6.34
C PRO B 123 -12.00 -3.45 -4.90
N ASP B 124 -11.53 -2.51 -4.09
CA ASP B 124 -11.20 -2.81 -2.68
C ASP B 124 -12.51 -2.79 -1.84
N ALA B 125 -12.40 -2.78 -0.52
CA ALA B 125 -13.59 -2.79 0.34
C ALA B 125 -14.43 -1.53 0.22
N ASN B 126 -13.79 -0.40 -0.13
CA ASN B 126 -14.50 0.82 -0.45
C ASN B 126 -14.95 0.97 -1.90
N GLY B 127 -14.77 -0.06 -2.73
CA GLY B 127 -15.05 0.05 -4.16
C GLY B 127 -14.01 0.83 -4.96
N ARG B 128 -12.84 1.08 -4.38
CA ARG B 128 -11.78 1.81 -5.08
C ARG B 128 -10.94 0.86 -5.93
N LYS B 129 -10.63 1.30 -7.14
CA LYS B 129 -9.90 0.55 -8.14
C LYS B 129 -8.59 1.30 -8.39
N HIS B 130 -7.54 0.53 -8.69
CA HIS B 130 -6.15 1.03 -8.79
C HIS B 130 -5.48 0.61 -10.10
N VAL B 131 -5.10 1.59 -10.91
CA VAL B 131 -4.39 1.36 -12.19
C VAL B 131 -3.15 2.25 -12.19
N TYR B 132 -1.97 1.65 -12.31
CA TYR B 132 -0.77 2.42 -12.58
C TYR B 132 -0.65 2.91 -14.01
N TYR B 133 -0.15 4.14 -14.19
CA TYR B 133 0.34 4.62 -15.51
C TYR B 133 1.87 4.55 -15.47
N VAL B 134 2.42 3.63 -16.25
CA VAL B 134 3.76 3.09 -16.05
C VAL B 134 4.65 3.39 -17.25
N ARG B 135 5.94 3.67 -16.99
CA ARG B 135 6.88 3.85 -18.06
C ARG B 135 7.44 2.46 -18.33
N VAL B 136 7.33 2.00 -19.57
CA VAL B 136 7.71 0.64 -19.94
C VAL B 136 8.68 0.71 -21.08
N LEU B 137 9.81 0.01 -20.92
CA LEU B 137 10.80 -0.10 -22.00
C LEU B 137 10.40 -1.22 -22.97
N THR B 138 9.48 -0.88 -23.87
CA THR B 138 9.01 -1.81 -24.89
C THR B 138 10.08 -2.17 -25.96
N GLY B 139 10.96 -1.24 -26.24
CA GLY B 139 12.12 -1.49 -27.11
C GLY B 139 11.69 -2.07 -28.45
N ILE B 140 12.34 -3.15 -28.85
CA ILE B 140 12.05 -3.88 -30.09
C ILE B 140 11.18 -5.07 -29.74
N TYR B 141 10.00 -5.14 -30.35
CA TYR B 141 9.01 -6.13 -30.05
C TYR B 141 8.47 -6.86 -31.26
N THR B 142 7.81 -8.00 -31.02
CA THR B 142 7.11 -8.76 -32.09
C THR B 142 5.84 -9.33 -31.48
N HIS B 143 5.02 -10.00 -32.29
CA HIS B 143 3.80 -10.63 -31.78
C HIS B 143 4.14 -11.77 -30.84
N GLY B 144 3.33 -11.90 -29.80
CA GLY B 144 3.53 -12.89 -28.77
C GLY B 144 3.29 -14.31 -29.27
N ASN B 145 4.19 -15.22 -28.92
CA ASN B 145 3.98 -16.67 -29.05
C ASN B 145 2.59 -17.07 -28.47
N HIS B 146 1.77 -17.75 -29.28
CA HIS B 146 0.43 -18.23 -28.87
C HIS B 146 0.44 -19.29 -27.76
N SER B 147 1.58 -19.99 -27.60
CA SER B 147 1.70 -21.16 -26.74
C SER B 147 2.76 -21.02 -25.63
N LEU B 148 3.91 -20.44 -25.97
CA LEU B 148 5.03 -20.31 -25.04
C LEU B 148 5.26 -18.82 -24.70
N ILE B 149 4.88 -18.40 -23.50
CA ILE B 149 4.84 -16.96 -23.18
C ILE B 149 6.21 -16.50 -22.64
N VAL B 150 7.16 -16.40 -23.56
CA VAL B 150 8.56 -15.98 -23.31
C VAL B 150 8.95 -15.02 -24.44
N PRO B 151 10.05 -14.26 -24.27
CA PRO B 151 10.50 -13.47 -25.39
C PRO B 151 11.06 -14.35 -26.53
N PRO B 152 10.54 -14.21 -27.76
CA PRO B 152 11.10 -14.97 -28.86
C PRO B 152 12.52 -14.50 -29.22
N SER B 153 13.23 -15.37 -29.93
CA SER B 153 14.50 -15.04 -30.57
C SER B 153 14.25 -14.00 -31.62
N LYS B 154 15.14 -13.03 -31.76
CA LYS B 154 15.05 -12.07 -32.86
C LYS B 154 15.39 -12.66 -34.20
N ASN B 155 16.38 -13.52 -34.19
CA ASN B 155 17.19 -13.75 -35.36
C ASN B 155 17.62 -15.23 -35.27
N PRO B 156 17.16 -16.10 -36.20
CA PRO B 156 17.58 -17.52 -36.20
C PRO B 156 19.11 -17.72 -36.33
N GLN B 157 19.80 -16.72 -36.86
CA GLN B 157 21.25 -16.69 -36.92
C GLN B 157 21.90 -16.23 -35.61
N ASN B 158 21.10 -15.82 -34.61
CA ASN B 158 21.63 -15.37 -33.31
C ASN B 158 20.54 -15.57 -32.22
N PRO B 159 20.11 -16.84 -32.00
CA PRO B 159 18.91 -17.08 -31.19
C PRO B 159 18.95 -16.77 -29.69
N THR B 160 20.09 -16.43 -29.10
CA THR B 160 20.07 -15.94 -27.69
C THR B 160 19.76 -14.45 -27.61
N ASP B 161 19.71 -13.78 -28.76
CA ASP B 161 19.34 -12.38 -28.87
C ASP B 161 17.81 -12.32 -28.93
N LEU B 162 17.20 -11.82 -27.85
CA LEU B 162 15.74 -11.88 -27.65
C LEU B 162 15.06 -10.52 -27.81
N TYR B 163 13.77 -10.53 -28.13
CA TYR B 163 12.97 -9.33 -28.15
C TYR B 163 12.85 -8.72 -26.76
N ASP B 164 12.64 -7.40 -26.73
CA ASP B 164 12.49 -6.70 -25.47
C ASP B 164 11.09 -6.97 -24.87
N THR B 165 10.06 -6.88 -25.71
CA THR B 165 8.71 -7.23 -25.28
C THR B 165 8.01 -7.96 -26.40
N VAL B 166 6.83 -8.52 -26.09
CA VAL B 166 5.91 -8.94 -27.14
C VAL B 166 4.59 -8.22 -27.02
N THR B 167 3.83 -8.28 -28.10
CA THR B 167 2.53 -7.63 -28.16
C THR B 167 1.52 -8.56 -28.82
N ASP B 168 0.25 -8.22 -28.68
CA ASP B 168 -0.79 -8.99 -29.36
C ASP B 168 -0.83 -8.71 -30.87
N ASN B 169 -0.41 -7.50 -31.27
CA ASN B 169 -0.49 -7.05 -32.64
C ASN B 169 0.55 -5.98 -32.94
N VAL B 170 1.51 -6.30 -33.79
CA VAL B 170 2.64 -5.40 -34.03
C VAL B 170 2.18 -4.05 -34.63
N HIS B 171 1.18 -4.10 -35.50
CA HIS B 171 0.70 -2.91 -36.22
C HIS B 171 -0.30 -2.09 -35.43
N HIS B 172 -1.09 -2.77 -34.62
CA HIS B 172 -2.13 -2.14 -33.84
C HIS B 172 -2.10 -2.67 -32.40
N PRO B 173 -1.02 -2.39 -31.65
CA PRO B 173 -0.94 -2.95 -30.27
C PRO B 173 -2.08 -2.58 -29.33
N SER B 174 -2.58 -3.54 -28.58
CA SER B 174 -3.43 -3.24 -27.43
C SER B 174 -2.74 -3.58 -26.10
N LEU B 175 -1.77 -4.46 -26.13
CA LEU B 175 -1.00 -4.75 -24.95
C LEU B 175 0.45 -5.10 -25.26
N PHE B 176 1.27 -5.01 -24.21
CA PHE B 176 2.66 -5.41 -24.23
C PHE B 176 2.98 -6.27 -23.02
N VAL B 177 3.92 -7.19 -23.19
CA VAL B 177 4.38 -8.05 -22.11
C VAL B 177 5.89 -7.79 -21.90
N ALA B 178 6.24 -7.43 -20.68
CA ALA B 178 7.66 -7.23 -20.25
C ALA B 178 8.17 -8.48 -19.57
N PHE B 179 9.46 -8.74 -19.69
CA PHE B 179 10.05 -9.98 -19.20
C PHE B 179 11.29 -9.76 -18.34
N TYR B 180 11.84 -8.54 -18.32
CA TYR B 180 13.19 -8.30 -17.73
C TYR B 180 13.14 -7.43 -16.48
N ASP B 181 14.16 -7.55 -15.63
CA ASP B 181 14.26 -6.71 -14.41
C ASP B 181 14.39 -5.24 -14.78
N TYR B 182 13.71 -4.39 -14.01
CA TYR B 182 13.75 -2.95 -14.14
C TYR B 182 13.30 -2.39 -15.51
N GLN B 183 12.38 -3.12 -16.16
CA GLN B 183 11.92 -2.77 -17.47
C GLN B 183 10.76 -1.78 -17.40
N ALA B 184 10.23 -1.54 -16.20
CA ALA B 184 9.08 -0.68 -16.01
C ALA B 184 9.21 0.11 -14.71
N TYR B 185 8.69 1.33 -14.69
CA TYR B 185 8.65 2.13 -13.49
C TYR B 185 7.21 2.58 -13.24
N PRO B 186 6.69 2.33 -12.03
CA PRO B 186 5.29 2.61 -11.71
C PRO B 186 5.13 4.07 -11.31
N GLU B 187 5.11 4.94 -12.31
CA GLU B 187 5.28 6.35 -12.08
C GLU B 187 4.04 6.97 -11.41
N TYR B 188 2.86 6.64 -11.90
CA TYR B 188 1.66 7.21 -11.34
C TYR B 188 0.66 6.15 -10.96
N LEU B 189 0.02 6.31 -9.80
CA LEU B 189 -1.10 5.46 -9.39
C LEU B 189 -2.38 6.26 -9.51
N ILE B 190 -3.32 5.73 -10.29
CA ILE B 190 -4.63 6.33 -10.44
C ILE B 190 -5.61 5.50 -9.59
N THR B 191 -6.26 6.18 -8.65
CA THR B 191 -7.31 5.62 -7.81
C THR B 191 -8.64 6.18 -8.32
N PHE B 192 -9.58 5.28 -8.58
CA PHE B 192 -10.86 5.64 -9.18
C PHE B 192 -12.02 4.67 -8.79
N ARG B 193 -13.22 5.07 -9.16
CA ARG B 193 -14.47 4.36 -8.82
C ARG B 193 -15.43 4.37 -10.02
N LYS B 194 -16.35 3.42 -10.03
CA LYS B 194 -17.42 3.34 -11.04
C LYS B 194 -18.41 4.51 -11.02
CAA FDR C . -8.99 -5.52 11.68
OAB FDR C . -5.84 -6.35 15.15
CAC FDR C . -7.82 -7.48 19.36
CAD FDR C . -9.33 -7.39 19.02
CAE FDR C . -7.09 -7.12 18.05
NAF FDR C . -9.69 -6.08 13.91
NAG FDR C . -7.36 -5.94 13.54
SAH FDR C . -10.69 -6.74 16.43
CAI FDR C . -8.67 -5.85 13.12
CAJ FDR C . -9.40 -7.02 17.58
CAK FDR C . -8.17 -6.86 17.05
CAL FDR C . -7.04 -6.27 14.80
CAM FDR C . -9.49 -6.40 15.19
CAN FDR C . -8.17 -6.50 15.66
C1 EDO D . 0.79 2.44 -0.55
O1 EDO D . 0.59 3.26 -1.71
C2 EDO D . 2.25 2.20 -0.36
O2 EDO D . 2.40 1.93 1.02
C1 EDO E . -7.02 3.52 -2.13
O1 EDO E . -7.24 4.53 -1.15
C2 EDO E . -6.50 2.23 -1.52
O2 EDO E . -6.17 2.39 -0.13
C1 EDO F . 3.97 -6.75 1.84
O1 EDO F . 4.35 -5.65 2.70
C2 EDO F . 2.56 -6.57 1.26
O2 EDO F . 2.57 -6.12 -0.11
C1 EDO G . 6.56 10.52 11.84
O1 EDO G . 6.81 9.12 11.66
C2 EDO G . 7.34 11.32 10.81
O2 EDO G . 6.44 11.92 9.87
C1 EDO H . 7.58 12.28 4.74
O1 EDO H . 8.91 12.22 5.26
C2 EDO H . 7.56 13.22 3.54
O2 EDO H . 6.38 13.01 2.75
C1 EDO I . -22.35 6.49 24.24
O1 EDO I . -21.66 6.22 23.02
C2 EDO I . -23.51 5.56 24.54
O2 EDO I . -23.36 4.95 25.84
C4 TYG J . -3.71 -7.13 -19.40
C4 TYG J . -3.81 -7.13 -19.47
C5 TYG J . -3.72 -6.15 -18.43
C5 TYG J . -3.81 -6.13 -18.51
C6 TYG J . -3.44 -6.49 -17.10
C6 TYG J . -3.46 -6.46 -17.20
C7 TYG J . -3.14 -7.86 -16.77
C7 TYG J . -3.15 -7.81 -16.85
C10 TYG J . -2.56 -7.82 -13.12
C10 TYG J . -2.27 -7.57 -13.26
C13 TYG J . -3.13 -9.05 -9.99
C13 TYG J . -2.69 -10.76 -12.93
C17 TYG J . -5.48 -8.86 -10.53
C17 TYG J . -4.77 -10.62 -11.72
C1 TYG J . -2.82 -10.26 -17.47
C1 TYG J . -2.78 -10.21 -17.51
C2 TYG J . -3.13 -8.82 -17.78
C2 TYG J . -3.15 -8.79 -17.85
C3 TYG J . -3.41 -8.45 -19.08
C3 TYG J . -3.46 -8.45 -19.13
N8 TYG J . -2.86 -8.19 -15.48
N8 TYG J . -2.77 -8.11 -15.57
C9 TYG J . -2.86 -7.31 -14.52
C9 TYG J . -2.74 -7.19 -14.64
S11 TYG J . -3.77 -9.11 -12.70
S11 TYG J . -3.61 -8.17 -12.21
C12 TYG J . -4.15 -8.99 -10.97
C12 TYG J . -3.68 -9.95 -12.30
C14 TYG J . -3.49 -8.95 -8.66
C14 TYG J . -2.84 -12.12 -12.95
N15 TYG J . -4.76 -8.81 -8.31
N15 TYG J . -3.90 -12.71 -12.38
C16 TYG J . -5.75 -8.76 -9.18
C16 TYG J . -4.84 -12.00 -11.78
N18 TYG J . -3.16 -6.00 -14.75
N18 TYG J . -3.12 -5.91 -14.88
C19 TYG J . -3.44 -5.53 -15.98
C19 TYG J . -3.46 -5.47 -16.11
O20 TYG J . -3.72 -4.35 -16.17
O20 TYG J . -3.81 -4.31 -16.28
C1 GOL K . 1.26 -6.48 -9.60
O1 GOL K . 0.04 -6.46 -10.37
C2 GOL K . 2.26 -7.58 -9.96
O2 GOL K . 2.59 -7.66 -11.37
C3 GOL K . 3.53 -7.32 -9.16
O3 GOL K . 4.62 -8.21 -9.52
C1 GOL L . 8.46 -8.80 -14.69
O1 GOL L . 8.21 -8.66 -16.09
C2 GOL L . 9.56 -9.80 -14.38
O2 GOL L . 9.52 -10.93 -15.26
C3 GOL L . 10.93 -9.14 -14.44
O3 GOL L . 11.61 -9.39 -13.21
C1 EDO M . 11.03 9.19 -9.11
O1 EDO M . 11.78 9.26 -7.89
C2 EDO M . 10.45 10.54 -9.43
O2 EDO M . 10.44 10.67 -10.85
C1 EDO N . 6.62 -2.01 1.59
O1 EDO N . 6.93 -2.45 0.27
C2 EDO N . 5.15 -1.77 1.73
O2 EDO N . 4.94 -0.71 0.81
C1 EDO O . 18.31 -4.37 -23.49
O1 EDO O . 18.99 -3.61 -24.50
C2 EDO O . 19.18 -4.39 -22.25
O2 EDO O . 18.76 -3.36 -21.34
C1 EDO P . 21.70 -1.15 -16.21
O1 EDO P . 21.93 -1.76 -14.94
C2 EDO P . 21.40 -2.20 -17.23
O2 EDO P . 21.88 -1.74 -18.50
#